data_3NWM
#
_entry.id   3NWM
#
_cell.length_a   41.347
_cell.length_b   88.527
_cell.length_c   61.203
_cell.angle_alpha   90.000
_cell.angle_beta   102.920
_cell.angle_gamma   90.000
#
_symmetry.space_group_name_H-M   'P 1 21 1'
#
loop_
_entity.id
_entity.type
_entity.pdbx_description
1 polymer 'Peptide/beta-2microglobulin/MHC class I H-2Kd chimeric protein'
2 water water
#
_entity_poly.entity_id   1
_entity_poly.type   'polypeptide(L)'
_entity_poly.pdbx_seq_one_letter_code
;MVYLKTNVFLGGGASGGGGSGGGGSMIQKTPQIQVYSRHPPENGKPNILNCYVTQFHPPHIEIQMLKNGKKIPKVEMSDM
SFSKDWSFYILAHTEFTPTETDTYACRVKHASMAEPKTVYWDRDMGGGGSGGGGSGGGGSGGGGSGPHSLRYFVTAVSRP
GLGEPRFIAVGYVDDTQFVRFDSDADNPRFEPRAPWMEQEGPEYWEEQTQRAKSDEQWFRVSLRTAQRYYNQSKGGSHTF
QRMFGCDVGSDWRLLRGYQQFAYDGRDYIALNEDLKTWTAADTAALITRRKWEQAGDAEYYRAYLEGECVEWLRRYLELG
NETLLRTDSPKAHVTYHPRSQVDVTLRCWALGFYPADITLTWQLNGEDLTQDMELVETRPAGDGTFQKWAAVVVPLGKEQ
NYTCHVHHKGLPEPLTLRWAAAGGTGGLNDIFEAQKIEWHEGL
;
_entity_poly.pdbx_strand_id   A
#
# COMPACT_ATOMS: atom_id res chain seq x y z
N VAL A 2 -3.96 13.26 -13.13
CA VAL A 2 -4.20 12.69 -14.46
C VAL A 2 -3.11 11.73 -14.86
N TYR A 3 -3.53 10.71 -15.61
CA TYR A 3 -2.66 9.68 -16.13
C TYR A 3 -1.60 10.24 -17.07
N LEU A 4 -0.39 9.71 -16.98
CA LEU A 4 0.69 10.08 -17.88
C LEU A 4 1.00 8.93 -18.82
N LYS A 5 1.12 9.25 -20.10
CA LYS A 5 1.44 8.27 -21.13
C LYS A 5 2.96 8.09 -21.20
N THR A 6 3.41 6.84 -21.26
CA THR A 6 4.83 6.56 -21.49
C THR A 6 5.09 6.80 -22.97
N ASN A 7 5.88 7.82 -23.27
CA ASN A 7 5.96 8.33 -24.63
C ASN A 7 6.83 7.50 -25.57
N VAL A 8 7.60 6.58 -25.01
CA VAL A 8 8.42 5.74 -25.86
C VAL A 8 8.35 4.30 -25.37
N PHE A 9 8.46 3.36 -26.31
CA PHE A 9 8.58 1.94 -26.00
C PHE A 9 10.02 1.62 -25.61
N LEU A 10 10.25 0.42 -25.09
CA LEU A 10 11.60 0.01 -24.75
C LEU A 10 12.13 -1.03 -25.73
N GLY A 11 13.46 -1.16 -25.82
CA GLY A 11 14.09 -2.13 -26.71
C GLY A 11 14.49 -3.44 -26.04
N GLY A 12 15.02 -4.39 -26.82
CA GLY A 12 15.43 -5.67 -26.27
C GLY A 12 15.21 -6.83 -27.22
N SER A 25 15.77 -12.31 -13.45
CA SER A 25 16.01 -13.03 -12.15
C SER A 25 14.83 -12.83 -11.17
N MET A 26 13.93 -13.82 -11.12
CA MET A 26 12.70 -13.73 -10.31
C MET A 26 12.88 -14.06 -8.82
N ILE A 27 12.77 -13.03 -8.00
CA ILE A 27 12.80 -13.20 -6.55
C ILE A 27 11.39 -13.54 -6.05
N GLN A 28 11.29 -13.91 -4.79
CA GLN A 28 10.01 -14.19 -4.15
C GLN A 28 10.04 -13.59 -2.76
N LYS A 29 8.96 -12.92 -2.39
CA LYS A 29 8.87 -12.28 -1.09
C LYS A 29 7.70 -12.81 -0.30
N THR A 30 8.00 -13.30 0.89
CA THR A 30 6.99 -13.85 1.79
C THR A 30 6.08 -12.75 2.36
N PRO A 31 4.76 -12.96 2.26
CA PRO A 31 3.82 -11.98 2.80
C PRO A 31 3.83 -11.93 4.31
N GLN A 32 3.72 -10.73 4.87
CA GLN A 32 3.38 -10.57 6.27
C GLN A 32 1.89 -10.40 6.29
N ILE A 33 1.28 -10.66 7.44
CA ILE A 33 -0.17 -10.65 7.58
C ILE A 33 -0.53 -10.02 8.91
N GLN A 34 -1.48 -9.10 8.90
CA GLN A 34 -2.07 -8.69 10.17
C GLN A 34 -3.58 -8.94 10.10
N VAL A 35 -4.14 -9.44 11.20
CA VAL A 35 -5.58 -9.71 11.30
C VAL A 35 -6.11 -8.93 12.49
N TYR A 36 -7.05 -8.02 12.25
CA TYR A 36 -7.53 -7.13 13.31
C TYR A 36 -8.90 -6.54 12.96
N SER A 37 -9.65 -6.14 13.98
CA SER A 37 -10.98 -5.56 13.75
C SER A 37 -10.85 -4.07 13.50
N ARG A 38 -11.86 -3.49 12.83
CA ARG A 38 -11.83 -2.06 12.52
C ARG A 38 -11.92 -1.19 13.79
N HIS A 39 -12.97 -1.41 14.59
CA HIS A 39 -13.18 -0.70 15.85
C HIS A 39 -12.86 -1.66 17.01
N PRO A 40 -12.64 -1.12 18.22
CA PRO A 40 -12.45 -2.02 19.36
C PRO A 40 -13.55 -3.09 19.44
N PRO A 41 -13.17 -4.34 19.67
CA PRO A 41 -14.20 -5.37 19.74
C PRO A 41 -15.04 -5.28 21.03
N GLU A 42 -16.30 -5.69 20.92
CA GLU A 42 -17.17 -5.87 22.08
C GLU A 42 -18.07 -7.02 21.69
N ASN A 43 -18.16 -8.03 22.54
CA ASN A 43 -18.94 -9.23 22.20
C ASN A 43 -20.34 -8.85 21.78
N GLY A 44 -20.87 -9.47 20.74
CA GLY A 44 -22.25 -9.21 20.32
C GLY A 44 -22.46 -7.96 19.48
N LYS A 45 -21.47 -7.08 19.43
CA LYS A 45 -21.59 -5.89 18.60
C LYS A 45 -20.89 -6.06 17.24
N PRO A 46 -21.60 -5.75 16.13
CA PRO A 46 -21.04 -5.95 14.79
C PRO A 46 -19.84 -5.06 14.50
N ASN A 47 -18.91 -5.56 13.67
CA ASN A 47 -17.63 -4.92 13.45
C ASN A 47 -17.12 -5.40 12.09
N ILE A 48 -16.00 -4.87 11.64
CA ILE A 48 -15.35 -5.37 10.44
C ILE A 48 -14.04 -6.04 10.84
N LEU A 49 -13.79 -7.25 10.33
CA LEU A 49 -12.54 -7.94 10.56
C LEU A 49 -11.60 -7.75 9.37
N ASN A 50 -10.39 -7.30 9.63
CA ASN A 50 -9.44 -7.00 8.57
C ASN A 50 -8.34 -8.02 8.47
N CYS A 51 -8.01 -8.38 7.24
CA CYS A 51 -6.83 -9.16 6.95
C CYS A 51 -5.98 -8.39 5.98
N TYR A 52 -4.83 -7.94 6.45
CA TYR A 52 -4.00 -7.03 5.69
C TYR A 52 -2.75 -7.76 5.30
N VAL A 53 -2.56 -7.90 4.01
CA VAL A 53 -1.46 -8.70 3.52
C VAL A 53 -0.53 -7.83 2.69
N THR A 54 0.75 -7.84 3.06
CA THR A 54 1.71 -6.93 2.44
C THR A 54 3.05 -7.59 2.16
N GLN A 55 3.91 -6.86 1.45
CA GLN A 55 5.34 -7.16 1.44
C GLN A 55 5.65 -8.39 0.58
N PHE A 56 4.72 -8.75 -0.31
CA PHE A 56 4.85 -9.99 -1.05
C PHE A 56 5.06 -9.80 -2.53
N HIS A 57 5.76 -10.77 -3.10
CA HIS A 57 5.93 -10.88 -4.54
C HIS A 57 6.17 -12.34 -4.92
N PRO A 58 5.55 -12.83 -6.00
CA PRO A 58 4.74 -12.19 -7.02
C PRO A 58 3.33 -11.87 -6.54
N PRO A 59 2.54 -11.16 -7.37
CA PRO A 59 1.27 -10.63 -6.89
C PRO A 59 0.14 -11.66 -6.79
N HIS A 60 0.28 -12.82 -7.46
CA HIS A 60 -0.76 -13.83 -7.35
CA HIS A 60 -0.72 -13.88 -7.38
C HIS A 60 -0.80 -14.42 -5.94
N ILE A 61 -1.98 -14.36 -5.35
CA ILE A 61 -2.14 -14.74 -3.95
C ILE A 61 -3.60 -15.10 -3.71
N GLU A 62 -3.85 -16.03 -2.79
CA GLU A 62 -5.21 -16.40 -2.44
C GLU A 62 -5.43 -16.20 -0.97
N ILE A 63 -6.55 -15.58 -0.60
CA ILE A 63 -6.75 -15.08 0.76
C ILE A 63 -8.12 -15.44 1.29
N GLN A 64 -8.16 -16.24 2.35
CA GLN A 64 -9.44 -16.61 2.93
C GLN A 64 -9.55 -16.08 4.33
N MET A 65 -10.79 -15.92 4.77
CA MET A 65 -11.05 -15.62 6.16
C MET A 65 -11.98 -16.68 6.67
N LEU A 66 -11.73 -17.14 7.89
CA LEU A 66 -12.45 -18.29 8.42
C LEU A 66 -13.11 -17.96 9.73
N LYS A 67 -14.34 -18.44 9.91
CA LYS A 67 -14.97 -18.46 11.20
C LYS A 67 -14.99 -19.91 11.68
N ASN A 68 -14.58 -20.13 12.93
CA ASN A 68 -14.52 -21.48 13.50
C ASN A 68 -14.07 -22.54 12.50
N GLY A 69 -12.98 -22.26 11.79
CA GLY A 69 -12.39 -23.25 10.92
C GLY A 69 -12.91 -23.25 9.50
N LYS A 70 -14.11 -22.71 9.29
CA LYS A 70 -14.70 -22.74 7.95
C LYS A 70 -14.69 -21.39 7.20
N LYS A 71 -14.47 -21.47 5.90
CA LYS A 71 -14.37 -20.30 5.03
C LYS A 71 -15.60 -19.39 5.06
N ILE A 72 -15.38 -18.11 5.31
CA ILE A 72 -16.43 -17.09 5.17
C ILE A 72 -16.55 -16.70 3.71
N PRO A 73 -17.73 -16.86 3.12
CA PRO A 73 -17.85 -16.67 1.66
C PRO A 73 -17.76 -15.22 1.20
N LYS A 74 -18.35 -14.28 1.95
CA LYS A 74 -18.37 -12.86 1.55
C LYS A 74 -17.22 -12.05 2.14
N VAL A 75 -16.20 -11.78 1.31
CA VAL A 75 -15.00 -11.04 1.72
C VAL A 75 -14.61 -10.01 0.67
N GLU A 76 -14.64 -8.72 1.01
CA GLU A 76 -14.19 -7.69 0.08
C GLU A 76 -12.66 -7.69 -0.08
N MET A 77 -12.19 -7.42 -1.29
CA MET A 77 -10.76 -7.29 -1.52
C MET A 77 -10.48 -5.90 -2.08
N SER A 78 -9.54 -5.19 -1.49
CA SER A 78 -9.10 -3.92 -2.06
C SER A 78 -8.49 -4.19 -3.43
N ASP A 79 -8.44 -3.15 -4.27
CA ASP A 79 -7.71 -3.26 -5.51
C ASP A 79 -6.29 -3.54 -5.06
N MET A 80 -5.52 -4.24 -5.87
CA MET A 80 -4.13 -4.46 -5.47
C MET A 80 -3.23 -3.30 -5.84
N SER A 81 -2.27 -3.06 -4.98
CA SER A 81 -1.33 -1.99 -5.16
C SER A 81 -0.02 -2.45 -4.55
N PHE A 82 0.98 -1.58 -4.65
CA PHE A 82 2.26 -1.87 -4.07
C PHE A 82 2.83 -0.61 -3.48
N SER A 83 3.88 -0.77 -2.70
CA SER A 83 4.56 0.36 -2.12
C SER A 83 5.80 0.62 -2.99
N LYS A 84 6.66 1.55 -2.57
CA LYS A 84 7.72 2.02 -3.47
C LYS A 84 8.86 1.04 -3.64
N ASP A 85 9.00 0.09 -2.72
CA ASP A 85 9.97 -0.97 -2.94
C ASP A 85 9.39 -2.00 -3.90
N TRP A 86 8.22 -1.70 -4.45
CA TRP A 86 7.60 -2.54 -5.48
C TRP A 86 6.76 -3.71 -4.95
N SER A 87 6.89 -4.05 -3.66
CA SER A 87 6.19 -5.20 -3.11
C SER A 87 4.72 -4.88 -2.97
N PHE A 88 3.91 -5.92 -3.04
CA PHE A 88 2.45 -5.79 -3.17
C PHE A 88 1.74 -5.82 -1.84
N TYR A 89 0.61 -5.12 -1.77
CA TYR A 89 -0.32 -5.28 -0.67
C TYR A 89 -1.77 -5.40 -1.10
N ILE A 90 -2.58 -5.88 -0.17
CA ILE A 90 -4.00 -6.13 -0.38
C ILE A 90 -4.67 -6.06 0.98
N LEU A 91 -5.88 -5.51 1.02
CA LEU A 91 -6.65 -5.54 2.25
C LEU A 91 -7.97 -6.27 2.05
N ALA A 92 -8.15 -7.37 2.77
CA ALA A 92 -9.37 -8.14 2.74
C ALA A 92 -10.11 -7.84 4.00
N HIS A 93 -11.42 -7.72 3.92
CA HIS A 93 -12.21 -7.56 5.12
C HIS A 93 -13.59 -8.21 5.00
N THR A 94 -14.22 -8.42 6.16
CA THR A 94 -15.55 -8.98 6.20
C THR A 94 -16.34 -8.51 7.43
N GLU A 95 -17.67 -8.50 7.30
CA GLU A 95 -18.56 -8.14 8.39
C GLU A 95 -18.58 -9.26 9.42
N PHE A 96 -18.45 -8.93 10.69
CA PHE A 96 -18.57 -9.97 11.70
C PHE A 96 -19.03 -9.40 13.03
N THR A 97 -19.43 -10.30 13.92
CA THR A 97 -19.80 -9.90 15.26
C THR A 97 -19.10 -10.80 16.26
N PRO A 98 -18.02 -10.29 16.86
CA PRO A 98 -17.25 -11.12 17.78
C PRO A 98 -18.13 -11.72 18.86
N THR A 99 -17.80 -12.94 19.26
CA THR A 99 -18.32 -13.49 20.50
C THR A 99 -17.13 -13.87 21.36
N GLU A 100 -17.40 -14.52 22.48
CA GLU A 100 -16.34 -14.89 23.42
C GLU A 100 -15.69 -16.22 23.01
N THR A 101 -16.30 -16.89 22.04
CA THR A 101 -16.00 -18.29 21.79
C THR A 101 -15.56 -18.53 20.35
N ASP A 102 -16.16 -17.80 19.41
CA ASP A 102 -15.89 -18.02 17.99
C ASP A 102 -14.47 -17.66 17.65
N THR A 103 -13.84 -18.44 16.77
CA THR A 103 -12.48 -18.12 16.38
C THR A 103 -12.46 -17.53 14.98
N TYR A 104 -11.51 -16.64 14.72
CA TYR A 104 -11.38 -16.05 13.39
C TYR A 104 -9.93 -16.04 12.93
N ALA A 105 -9.70 -16.54 11.72
CA ALA A 105 -8.37 -16.56 11.14
C ALA A 105 -8.39 -16.12 9.68
N CYS A 106 -7.22 -15.85 9.15
CA CYS A 106 -7.08 -15.46 7.77
C CYS A 106 -6.04 -16.39 7.20
N ARG A 107 -6.38 -17.05 6.11
CA ARG A 107 -5.50 -18.05 5.55
C ARG A 107 -4.96 -17.55 4.23
N VAL A 108 -3.65 -17.61 4.08
CA VAL A 108 -2.99 -17.09 2.88
C VAL A 108 -2.22 -18.18 2.15
N LYS A 109 -2.38 -18.22 0.85
CA LYS A 109 -1.68 -19.17 -0.01
C LYS A 109 -0.88 -18.40 -1.06
N HIS A 110 0.43 -18.56 -1.02
CA HIS A 110 1.28 -17.80 -1.90
C HIS A 110 2.49 -18.61 -2.39
N ALA A 111 2.90 -18.38 -3.64
CA ALA A 111 3.98 -19.15 -4.26
C ALA A 111 5.24 -19.27 -3.42
N SER A 112 5.45 -18.32 -2.51
CA SER A 112 6.71 -18.28 -1.75
C SER A 112 6.70 -19.17 -0.52
N MET A 113 5.62 -19.93 -0.33
CA MET A 113 5.47 -20.77 0.86
C MET A 113 5.07 -22.18 0.47
N ALA A 114 5.55 -23.15 1.21
CA ALA A 114 5.22 -24.54 0.95
C ALA A 114 3.74 -24.71 1.16
N GLU A 115 3.32 -24.60 2.42
CA GLU A 115 1.91 -24.73 2.81
C GLU A 115 1.24 -23.38 2.84
N PRO A 116 -0.09 -23.35 2.78
CA PRO A 116 -0.84 -22.12 3.12
C PRO A 116 -0.53 -21.67 4.55
N LYS A 117 -0.69 -20.39 4.84
CA LYS A 117 -0.38 -19.89 6.18
C LYS A 117 -1.59 -19.24 6.85
N THR A 118 -1.89 -19.67 8.06
CA THR A 118 -3.10 -19.27 8.74
C THR A 118 -2.74 -18.40 9.92
N VAL A 119 -3.26 -17.18 9.96
CA VAL A 119 -3.04 -16.31 11.11
C VAL A 119 -4.35 -16.04 11.86
N TYR A 120 -4.41 -16.45 13.12
CA TYR A 120 -5.61 -16.26 13.95
C TYR A 120 -5.76 -14.84 14.44
N TRP A 121 -6.98 -14.31 14.39
CA TRP A 121 -7.27 -13.07 15.09
C TRP A 121 -6.89 -13.25 16.55
N ASP A 122 -5.86 -12.56 17.00
CA ASP A 122 -5.49 -12.66 18.41
C ASP A 122 -6.03 -11.46 19.16
N ARG A 123 -7.08 -11.69 19.94
CA ARG A 123 -7.87 -10.57 20.47
C ARG A 123 -7.10 -9.52 21.27
N ASP A 124 -5.83 -9.77 21.56
CA ASP A 124 -4.96 -8.81 22.25
C ASP A 124 -3.73 -8.39 21.41
N MET A 125 -3.44 -9.18 20.37
CA MET A 125 -2.37 -8.93 19.38
C MET A 125 -1.02 -9.40 19.90
N GLY A 126 -1.01 -9.85 21.15
CA GLY A 126 0.22 -10.32 21.80
C GLY A 126 0.20 -10.05 23.30
N GLY A 146 1.04 20.58 5.12
CA GLY A 146 2.15 19.58 4.95
C GLY A 146 2.48 19.40 3.48
N PRO A 147 3.25 18.35 3.16
CA PRO A 147 3.55 18.02 1.77
C PRO A 147 2.40 17.23 1.14
N HIS A 148 2.42 17.07 -0.18
CA HIS A 148 1.40 16.29 -0.86
C HIS A 148 1.96 15.46 -1.98
N SER A 149 1.29 14.35 -2.28
CA SER A 149 1.68 13.53 -3.43
C SER A 149 0.48 13.08 -4.24
N LEU A 150 0.69 13.01 -5.55
CA LEU A 150 -0.24 12.38 -6.48
C LEU A 150 0.53 11.22 -7.13
N ARG A 151 0.05 10.00 -6.91
CA ARG A 151 0.82 8.82 -7.30
C ARG A 151 -0.05 7.79 -7.98
N TYR A 152 0.49 7.15 -9.01
CA TYR A 152 -0.17 6.01 -9.62
C TYR A 152 0.68 4.78 -9.48
N PHE A 153 0.05 3.63 -9.27
CA PHE A 153 0.77 2.36 -9.22
C PHE A 153 0.17 1.44 -10.25
N VAL A 154 0.97 0.97 -11.20
CA VAL A 154 0.42 0.24 -12.33
C VAL A 154 1.03 -1.14 -12.42
N THR A 155 0.21 -2.13 -12.78
CA THR A 155 0.67 -3.51 -12.77
C THR A 155 0.09 -4.30 -13.90
N ALA A 156 0.96 -4.99 -14.62
CA ALA A 156 0.54 -5.91 -15.67
C ALA A 156 1.10 -7.30 -15.39
N VAL A 157 0.25 -8.31 -15.52
CA VAL A 157 0.63 -9.67 -15.18
C VAL A 157 0.16 -10.60 -16.29
N SER A 158 1.11 -11.18 -17.01
CA SER A 158 0.81 -12.13 -18.10
C SER A 158 0.29 -13.47 -17.58
N ARG A 159 -0.77 -13.97 -18.17
CA ARG A 159 -1.37 -15.25 -17.77
C ARG A 159 -1.34 -16.19 -18.97
N PRO A 160 -0.15 -16.60 -19.40
CA PRO A 160 -0.07 -17.32 -20.67
C PRO A 160 -0.79 -18.66 -20.55
N GLY A 161 -1.77 -18.88 -21.41
CA GLY A 161 -2.64 -20.04 -21.26
C GLY A 161 -3.99 -19.63 -20.70
N LEU A 162 -4.02 -18.55 -19.92
CA LEU A 162 -5.29 -17.98 -19.43
C LEU A 162 -5.53 -16.56 -19.99
N GLY A 163 -5.31 -16.40 -21.30
CA GLY A 163 -5.60 -15.14 -22.00
C GLY A 163 -4.55 -14.04 -21.94
N GLU A 164 -4.94 -12.86 -22.43
CA GLU A 164 -4.12 -11.66 -22.41
C GLU A 164 -3.78 -11.21 -20.99
N PRO A 165 -2.74 -10.36 -20.83
CA PRO A 165 -2.26 -9.96 -19.48
C PRO A 165 -3.26 -9.10 -18.71
N ARG A 166 -3.33 -9.29 -17.39
CA ARG A 166 -4.23 -8.49 -16.57
C ARG A 166 -3.59 -7.16 -16.21
N PHE A 167 -4.21 -6.07 -16.63
CA PHE A 167 -3.71 -4.72 -16.39
C PHE A 167 -4.49 -4.05 -15.24
N ILE A 168 -3.77 -3.48 -14.28
CA ILE A 168 -4.43 -2.73 -13.21
C ILE A 168 -3.71 -1.42 -12.89
N ALA A 169 -4.46 -0.38 -12.60
CA ALA A 169 -3.87 0.92 -12.28
C ALA A 169 -4.68 1.62 -11.20
N VAL A 170 -4.01 2.05 -10.14
CA VAL A 170 -4.70 2.72 -9.06
C VAL A 170 -4.00 4.03 -8.73
N GLY A 171 -4.80 5.08 -8.55
CA GLY A 171 -4.27 6.39 -8.25
C GLY A 171 -4.41 6.73 -6.80
N TYR A 172 -3.49 7.58 -6.33
CA TYR A 172 -3.51 8.03 -4.95
C TYR A 172 -3.25 9.52 -4.87
N VAL A 173 -4.08 10.18 -4.07
CA VAL A 173 -3.75 11.50 -3.55
C VAL A 173 -3.39 11.31 -2.07
N ASP A 174 -2.16 11.65 -1.73
CA ASP A 174 -1.61 11.31 -0.42
C ASP A 174 -1.93 9.86 -0.07
N ASP A 175 -2.56 9.63 1.07
CA ASP A 175 -2.87 8.25 1.47
C ASP A 175 -4.22 7.74 1.05
N THR A 176 -4.83 8.37 0.05
CA THR A 176 -6.21 8.06 -0.30
C THR A 176 -6.34 7.60 -1.75
N GLN A 177 -6.83 6.38 -1.95
CA GLN A 177 -7.12 5.92 -3.31
C GLN A 177 -8.24 6.75 -3.90
N PHE A 178 -8.15 7.08 -5.18
CA PHE A 178 -9.19 7.91 -5.78
C PHE A 178 -9.68 7.46 -7.16
N VAL A 179 -8.87 6.63 -7.84
CA VAL A 179 -9.26 6.13 -9.16
C VAL A 179 -8.73 4.72 -9.32
N ARG A 180 -9.38 3.91 -10.15
CA ARG A 180 -8.84 2.60 -10.49
C ARG A 180 -9.20 2.13 -11.88
N PHE A 181 -8.34 1.35 -12.50
CA PHE A 181 -8.65 0.74 -13.80
C PHE A 181 -8.24 -0.74 -13.79
N ASP A 182 -9.15 -1.59 -14.26
CA ASP A 182 -8.95 -3.04 -14.24
C ASP A 182 -9.36 -3.61 -15.58
N SER A 183 -8.42 -4.21 -16.29
CA SER A 183 -8.69 -4.84 -17.57
C SER A 183 -9.71 -5.96 -17.43
N ASP A 184 -9.80 -6.53 -16.23
CA ASP A 184 -10.69 -7.64 -15.94
C ASP A 184 -12.20 -7.36 -15.89
N ALA A 185 -12.60 -6.14 -15.59
CA ALA A 185 -14.02 -5.82 -15.70
C ALA A 185 -14.36 -5.81 -17.19
N ASP A 186 -15.61 -6.09 -17.55
CA ASP A 186 -16.00 -6.01 -18.96
C ASP A 186 -16.24 -4.55 -19.33
N ASN A 187 -15.85 -4.19 -20.55
CA ASN A 187 -15.77 -2.78 -20.94
C ASN A 187 -15.20 -1.93 -19.81
N PRO A 188 -13.91 -2.16 -19.47
CA PRO A 188 -13.25 -1.47 -18.38
C PRO A 188 -13.02 -0.01 -18.70
N ARG A 189 -12.98 0.81 -17.66
CA ARG A 189 -12.75 2.23 -17.81
C ARG A 189 -12.24 2.77 -16.51
N PHE A 190 -11.66 3.97 -16.52
CA PHE A 190 -11.25 4.59 -15.29
C PHE A 190 -12.44 4.96 -14.43
N GLU A 191 -12.32 4.69 -13.14
CA GLU A 191 -13.42 4.88 -12.21
C GLU A 191 -13.07 5.60 -10.94
N PRO A 192 -14.03 6.36 -10.39
CA PRO A 192 -13.76 7.02 -9.14
C PRO A 192 -13.83 5.98 -8.03
N ARG A 193 -12.88 6.05 -7.10
CA ARG A 193 -12.91 5.20 -5.92
C ARG A 193 -12.99 6.04 -4.65
N ALA A 194 -12.98 7.35 -4.83
CA ALA A 194 -13.30 8.24 -3.75
C ALA A 194 -14.56 8.92 -4.21
N PRO A 195 -15.55 9.05 -3.31
CA PRO A 195 -16.85 9.59 -3.71
C PRO A 195 -16.74 11.04 -4.19
N TRP A 196 -15.71 11.75 -3.75
CA TRP A 196 -15.57 13.15 -4.17
C TRP A 196 -15.11 13.30 -5.61
N MET A 197 -14.76 12.18 -6.23
CA MET A 197 -14.32 12.22 -7.62
C MET A 197 -15.53 12.18 -8.54
N GLU A 198 -16.70 11.89 -7.98
CA GLU A 198 -17.91 11.87 -8.79
C GLU A 198 -18.27 13.24 -9.37
N GLN A 199 -17.61 14.30 -8.89
CA GLN A 199 -17.83 15.64 -9.42
C GLN A 199 -17.35 15.80 -10.86
N GLU A 200 -16.21 15.20 -11.20
CA GLU A 200 -15.64 15.29 -12.54
C GLU A 200 -16.58 14.74 -13.61
N GLY A 201 -16.57 15.37 -14.79
CA GLY A 201 -17.48 15.00 -15.88
C GLY A 201 -16.90 14.00 -16.85
N PRO A 202 -17.71 13.56 -17.83
CA PRO A 202 -17.35 12.57 -18.85
C PRO A 202 -16.06 12.87 -19.60
N GLU A 203 -15.76 14.15 -19.81
CA GLU A 203 -14.52 14.56 -20.49
C GLU A 203 -13.32 13.92 -19.80
N TYR A 204 -13.27 14.07 -18.49
CA TYR A 204 -12.24 13.47 -17.66
C TYR A 204 -12.18 11.97 -17.85
N TRP A 205 -13.29 11.29 -17.57
CA TRP A 205 -13.31 9.83 -17.57
C TRP A 205 -12.97 9.23 -18.92
N GLU A 206 -13.39 9.90 -19.98
CA GLU A 206 -13.05 9.45 -21.32
C GLU A 206 -11.57 9.51 -21.56
N GLU A 207 -10.99 10.68 -21.31
CA GLU A 207 -9.58 10.92 -21.56
C GLU A 207 -8.68 9.99 -20.72
N GLN A 208 -9.03 9.84 -19.44
CA GLN A 208 -8.31 8.93 -18.58
C GLN A 208 -8.47 7.49 -19.04
N THR A 209 -9.67 7.08 -19.41
CA THR A 209 -9.87 5.71 -19.86
C THR A 209 -9.01 5.47 -21.10
N GLN A 210 -8.95 6.46 -21.98
CA GLN A 210 -8.21 6.32 -23.21
C GLN A 210 -6.71 6.20 -22.94
N ARG A 211 -6.21 6.88 -21.91
CA ARG A 211 -4.78 6.80 -21.60
C ARG A 211 -4.44 5.47 -20.93
N ALA A 212 -5.36 4.98 -20.11
CA ALA A 212 -5.19 3.67 -19.50
C ALA A 212 -5.23 2.60 -20.57
N LYS A 213 -6.15 2.71 -21.51
CA LYS A 213 -6.27 1.66 -22.51
C LYS A 213 -5.05 1.62 -23.42
N SER A 214 -4.36 2.75 -23.50
CA SER A 214 -3.18 2.86 -24.34
C SER A 214 -1.99 2.27 -23.59
N ASP A 215 -1.87 2.60 -22.30
CA ASP A 215 -0.77 2.10 -21.50
C ASP A 215 -0.79 0.57 -21.46
N GLU A 216 -1.98 0.00 -21.45
CA GLU A 216 -2.13 -1.43 -21.39
C GLU A 216 -1.49 -2.11 -22.59
N GLN A 217 -1.66 -1.53 -23.76
CA GLN A 217 -1.04 -2.08 -24.95
C GLN A 217 0.46 -2.03 -24.77
N TRP A 218 0.96 -0.89 -24.32
CA TRP A 218 2.38 -0.72 -24.04
C TRP A 218 2.87 -1.85 -23.17
N PHE A 219 2.11 -2.17 -22.14
CA PHE A 219 2.53 -3.20 -21.21
C PHE A 219 2.52 -4.57 -21.87
N ARG A 220 1.59 -4.78 -22.80
CA ARG A 220 1.53 -6.03 -23.53
C ARG A 220 2.83 -6.17 -24.33
N VAL A 221 3.10 -5.20 -25.19
CA VAL A 221 4.36 -5.16 -25.89
C VAL A 221 5.52 -5.38 -24.93
N SER A 222 5.62 -4.56 -23.90
CA SER A 222 6.72 -4.66 -22.96
C SER A 222 6.86 -6.05 -22.30
N LEU A 223 5.75 -6.68 -21.94
CA LEU A 223 5.81 -8.02 -21.36
C LEU A 223 6.38 -9.02 -22.36
N ARG A 224 5.96 -8.90 -23.62
CA ARG A 224 6.45 -9.72 -24.71
C ARG A 224 7.96 -9.53 -24.98
N THR A 225 8.42 -8.29 -24.93
CA THR A 225 9.84 -7.97 -25.15
C THR A 225 10.73 -8.59 -24.09
N ALA A 226 10.38 -8.32 -22.83
CA ALA A 226 11.14 -8.79 -21.70
C ALA A 226 11.26 -10.29 -21.72
N GLN A 227 10.16 -10.94 -22.06
CA GLN A 227 10.12 -12.40 -22.10
C GLN A 227 11.13 -12.89 -23.14
N ARG A 228 10.83 -12.60 -24.41
CA ARG A 228 11.74 -12.90 -25.50
C ARG A 228 13.18 -12.72 -25.05
N TYR A 229 13.47 -11.51 -24.58
CA TYR A 229 14.82 -11.13 -24.19
C TYR A 229 15.54 -12.22 -23.40
N TYR A 230 15.07 -12.49 -22.18
CA TYR A 230 15.76 -13.40 -21.27
C TYR A 230 15.62 -14.87 -21.65
N ASN A 231 15.13 -15.16 -22.86
CA ASN A 231 14.97 -16.54 -23.30
C ASN A 231 13.93 -17.29 -22.47
N GLN A 232 13.14 -16.55 -21.68
CA GLN A 232 12.18 -17.17 -20.77
C GLN A 232 11.11 -18.02 -21.46
N SER A 233 10.64 -19.05 -20.77
CA SER A 233 9.58 -19.91 -21.28
C SER A 233 8.25 -19.17 -21.41
N LYS A 234 7.50 -19.52 -22.45
CA LYS A 234 6.16 -18.97 -22.69
C LYS A 234 5.14 -19.36 -21.61
N GLY A 235 5.55 -20.24 -20.70
CA GLY A 235 4.65 -20.69 -19.64
C GLY A 235 4.60 -19.68 -18.53
N GLY A 236 5.73 -19.50 -17.85
CA GLY A 236 5.82 -18.62 -16.70
C GLY A 236 5.04 -17.34 -16.84
N SER A 237 4.27 -17.00 -15.81
CA SER A 237 3.66 -15.70 -15.69
C SER A 237 4.72 -14.69 -15.27
N HIS A 238 4.65 -13.48 -15.81
CA HIS A 238 5.61 -12.45 -15.41
C HIS A 238 4.91 -11.16 -15.04
N THR A 239 5.66 -10.27 -14.40
CA THR A 239 5.11 -9.08 -13.76
C THR A 239 5.83 -7.86 -14.22
N PHE A 240 5.08 -6.85 -14.64
CA PHE A 240 5.67 -5.57 -14.96
C PHE A 240 4.97 -4.47 -14.20
N GLN A 241 5.74 -3.69 -13.45
CA GLN A 241 5.20 -2.57 -12.68
C GLN A 241 5.66 -1.22 -13.20
N ARG A 242 4.84 -0.22 -12.99
CA ARG A 242 5.21 1.17 -13.25
C ARG A 242 4.71 2.04 -12.12
N MET A 243 5.52 3.02 -11.73
CA MET A 243 5.07 3.99 -10.75
C MET A 243 5.42 5.35 -11.27
N PHE A 244 4.51 6.31 -11.13
CA PHE A 244 4.75 7.66 -11.62
C PHE A 244 3.90 8.69 -10.89
N GLY A 245 4.41 9.92 -10.79
CA GLY A 245 3.63 10.97 -10.13
C GLY A 245 4.43 12.06 -9.45
N CYS A 246 3.83 12.65 -8.42
CA CYS A 246 4.29 13.92 -7.84
C CYS A 246 4.51 13.94 -6.36
N ASP A 247 5.67 14.41 -5.93
CA ASP A 247 5.84 14.85 -4.55
C ASP A 247 5.96 16.39 -4.52
N VAL A 248 5.11 17.06 -3.73
CA VAL A 248 5.24 18.52 -3.56
C VAL A 248 5.37 18.92 -2.09
N GLY A 249 6.07 20.02 -1.83
CA GLY A 249 6.27 20.48 -0.46
C GLY A 249 5.18 21.44 -0.02
N SER A 250 5.35 21.97 1.19
CA SER A 250 4.53 23.06 1.71
C SER A 250 4.48 24.22 0.74
N ASP A 251 5.63 24.51 0.14
CA ASP A 251 5.72 25.65 -0.76
C ASP A 251 5.23 25.30 -2.16
N TRP A 252 4.64 24.11 -2.29
CA TRP A 252 4.15 23.62 -3.58
C TRP A 252 5.20 23.41 -4.67
N ARG A 253 6.48 23.31 -4.30
CA ARG A 253 7.51 22.92 -5.28
C ARG A 253 7.72 21.42 -5.37
N LEU A 254 7.93 20.96 -6.61
CA LEU A 254 8.19 19.57 -6.89
C LEU A 254 9.41 19.06 -6.12
N LEU A 255 9.19 18.26 -5.08
CA LEU A 255 10.30 17.66 -4.34
C LEU A 255 10.92 16.48 -5.09
N ARG A 256 10.06 15.77 -5.82
CA ARG A 256 10.40 14.51 -6.43
C ARG A 256 9.32 14.21 -7.47
N GLY A 257 9.74 13.90 -8.69
CA GLY A 257 8.82 13.48 -9.73
C GLY A 257 9.24 12.11 -10.16
N TYR A 258 8.29 11.21 -10.40
CA TYR A 258 8.63 9.81 -10.62
C TYR A 258 8.13 9.27 -11.95
N GLN A 259 8.93 8.42 -12.56
CA GLN A 259 8.52 7.61 -13.69
C GLN A 259 9.51 6.46 -13.71
N GLN A 260 9.12 5.31 -13.18
CA GLN A 260 10.08 4.17 -13.04
C GLN A 260 9.37 2.82 -13.21
N PHE A 261 10.13 1.76 -13.47
CA PHE A 261 9.54 0.45 -13.74
C PHE A 261 10.28 -0.67 -13.06
N ALA A 262 9.54 -1.71 -12.68
CA ALA A 262 10.14 -2.93 -12.21
C ALA A 262 9.72 -4.09 -13.09
N TYR A 263 10.62 -5.05 -13.26
CA TYR A 263 10.28 -6.26 -13.94
C TYR A 263 10.44 -7.41 -12.97
N ASP A 264 9.43 -8.28 -12.91
CA ASP A 264 9.47 -9.41 -12.00
C ASP A 264 9.92 -8.99 -10.61
N GLY A 265 9.40 -7.85 -10.14
CA GLY A 265 9.62 -7.39 -8.77
C GLY A 265 10.90 -6.62 -8.59
N ARG A 266 11.69 -6.53 -9.64
CA ARG A 266 13.02 -5.96 -9.50
C ARG A 266 13.14 -4.70 -10.33
N ASP A 267 13.75 -3.68 -9.74
CA ASP A 267 14.05 -2.44 -10.47
C ASP A 267 14.54 -2.69 -11.86
N TYR A 268 14.16 -1.80 -12.76
CA TYR A 268 14.42 -1.97 -14.16
C TYR A 268 14.88 -0.64 -14.78
N ILE A 269 14.02 0.37 -14.81
CA ILE A 269 14.50 1.69 -15.20
C ILE A 269 13.77 2.78 -14.42
N ALA A 270 14.48 3.85 -14.07
CA ALA A 270 13.89 4.98 -13.34
C ALA A 270 14.34 6.32 -13.87
N LEU A 271 13.40 7.23 -14.07
CA LEU A 271 13.75 8.61 -14.39
C LEU A 271 14.47 9.15 -13.19
N ASN A 272 15.60 9.83 -13.39
CA ASN A 272 16.35 10.38 -12.27
C ASN A 272 15.71 11.63 -11.72
N GLU A 273 16.22 12.10 -10.59
CA GLU A 273 15.66 13.26 -9.94
C GLU A 273 15.82 14.50 -10.82
N ASP A 274 16.84 14.47 -11.67
CA ASP A 274 17.14 15.58 -12.58
C ASP A 274 16.05 15.76 -13.62
N LEU A 275 15.12 14.81 -13.65
CA LEU A 275 14.06 14.76 -14.67
C LEU A 275 14.62 14.79 -16.08
N LYS A 276 15.89 14.44 -16.21
CA LYS A 276 16.55 14.44 -17.50
C LYS A 276 17.00 13.03 -17.88
N THR A 277 17.64 12.34 -16.94
CA THR A 277 18.30 11.08 -17.23
C THR A 277 17.74 9.86 -16.49
N TRP A 278 18.25 8.69 -16.86
CA TRP A 278 17.73 7.42 -16.37
C TRP A 278 18.78 6.58 -15.65
N THR A 279 18.35 5.91 -14.60
CA THR A 279 19.16 4.87 -13.98
C THR A 279 18.59 3.52 -14.37
N ALA A 280 19.35 2.74 -15.13
CA ALA A 280 18.94 1.41 -15.51
C ALA A 280 19.53 0.46 -14.49
N ALA A 281 18.96 -0.72 -14.33
CA ALA A 281 19.45 -1.63 -13.32
C ALA A 281 20.38 -2.69 -13.89
N ASP A 282 19.86 -3.53 -14.78
CA ASP A 282 20.69 -4.55 -15.39
C ASP A 282 21.09 -4.15 -16.82
N THR A 283 21.60 -5.11 -17.58
CA THR A 283 22.07 -4.85 -18.94
C THR A 283 20.95 -4.85 -19.98
N ALA A 284 19.89 -5.64 -19.73
CA ALA A 284 18.78 -5.76 -20.67
C ALA A 284 18.07 -4.43 -20.83
N ALA A 285 18.26 -3.54 -19.85
CA ALA A 285 17.56 -2.24 -19.80
C ALA A 285 18.45 -1.09 -20.25
N LEU A 286 19.75 -1.32 -20.23
CA LEU A 286 20.75 -0.28 -20.56
C LEU A 286 20.77 0.07 -22.05
N ILE A 287 19.98 -0.66 -22.84
CA ILE A 287 19.76 -0.30 -24.24
C ILE A 287 18.40 0.39 -24.41
N THR A 288 17.50 0.18 -23.44
CA THR A 288 16.25 0.93 -23.38
C THR A 288 16.52 2.36 -22.93
N ARG A 289 17.61 2.54 -22.18
CA ARG A 289 18.03 3.86 -21.73
C ARG A 289 18.66 4.66 -22.87
N ARG A 290 19.47 4.00 -23.68
CA ARG A 290 20.16 4.66 -24.78
C ARG A 290 19.19 4.99 -25.90
N LYS A 291 18.03 4.33 -25.90
CA LYS A 291 16.99 4.65 -26.87
C LYS A 291 15.87 5.49 -26.23
N TRP A 292 16.15 6.05 -25.06
CA TRP A 292 15.17 6.84 -24.32
C TRP A 292 15.65 8.24 -24.03
N GLU A 293 16.97 8.40 -23.88
CA GLU A 293 17.59 9.71 -23.65
C GLU A 293 17.80 10.47 -24.96
N ALA A 298 12.44 13.93 -21.84
CA ALA A 298 12.90 15.03 -20.97
C ALA A 298 11.82 16.09 -20.77
N GLU A 299 11.81 17.08 -21.66
CA GLU A 299 10.76 18.10 -21.57
C GLU A 299 9.42 17.40 -21.45
N TYR A 300 9.27 16.30 -22.19
CA TYR A 300 8.02 15.53 -22.16
C TYR A 300 7.61 15.20 -20.73
N TYR A 301 8.50 14.49 -20.02
CA TYR A 301 8.21 14.11 -18.65
C TYR A 301 8.27 15.31 -17.70
N ARG A 302 9.18 16.23 -17.95
CA ARG A 302 9.28 17.41 -17.10
C ARG A 302 8.01 18.24 -17.19
N ALA A 303 7.43 18.27 -18.40
CA ALA A 303 6.20 19.00 -18.66
C ALA A 303 5.08 18.44 -17.80
N TYR A 304 5.04 17.11 -17.71
CA TYR A 304 4.03 16.46 -16.94
C TYR A 304 4.28 16.66 -15.45
N LEU A 305 5.49 16.33 -15.01
CA LEU A 305 5.80 16.29 -13.58
C LEU A 305 5.88 17.66 -12.91
N GLU A 306 6.29 18.68 -13.67
CA GLU A 306 6.30 20.04 -13.14
C GLU A 306 5.00 20.76 -13.51
N GLY A 307 4.35 20.31 -14.59
CA GLY A 307 3.18 21.00 -15.10
C GLY A 307 1.88 20.37 -14.65
N GLU A 308 1.29 19.56 -15.53
CA GLU A 308 0.00 18.92 -15.34
C GLU A 308 -0.21 18.19 -14.02
N CYS A 309 0.80 17.44 -13.58
CA CYS A 309 0.68 16.61 -12.40
C CYS A 309 0.47 17.44 -11.15
N VAL A 310 1.28 18.48 -10.98
CA VAL A 310 1.13 19.41 -9.85
C VAL A 310 -0.19 20.17 -9.95
N GLU A 311 -0.55 20.56 -11.17
CA GLU A 311 -1.82 21.21 -11.41
C GLU A 311 -3.02 20.37 -11.00
N TRP A 312 -3.10 19.13 -11.48
CA TRP A 312 -4.21 18.25 -11.10
C TRP A 312 -4.22 17.85 -9.63
N LEU A 313 -3.04 17.64 -9.05
CA LEU A 313 -2.95 17.42 -7.60
C LEU A 313 -3.69 18.55 -6.88
N ARG A 314 -3.32 19.79 -7.20
CA ARG A 314 -3.97 20.94 -6.59
C ARG A 314 -5.49 20.84 -6.74
N ARG A 315 -5.93 20.44 -7.93
CA ARG A 315 -7.34 20.27 -8.23
C ARG A 315 -7.97 19.16 -7.40
N TYR A 316 -7.33 18.00 -7.36
CA TYR A 316 -7.88 16.90 -6.59
C TYR A 316 -8.07 17.32 -5.14
N LEU A 317 -7.15 18.13 -4.62
CA LEU A 317 -7.20 18.60 -3.22
C LEU A 317 -8.41 19.45 -2.91
N GLU A 318 -8.82 20.27 -3.87
CA GLU A 318 -10.02 21.07 -3.70
C GLU A 318 -11.27 20.20 -3.76
N LEU A 319 -11.36 19.38 -4.80
CA LEU A 319 -12.50 18.50 -4.97
C LEU A 319 -12.75 17.67 -3.73
N GLY A 320 -11.69 17.21 -3.08
CA GLY A 320 -11.84 16.41 -1.87
C GLY A 320 -11.37 17.08 -0.60
N ASN A 321 -11.44 18.41 -0.57
CA ASN A 321 -10.90 19.15 0.57
C ASN A 321 -11.50 18.75 1.93
N GLU A 322 -12.82 18.66 2.00
CA GLU A 322 -13.47 18.27 3.25
C GLU A 322 -12.90 17.00 3.85
N THR A 323 -12.29 16.13 3.04
CA THR A 323 -11.67 14.93 3.61
C THR A 323 -10.14 14.82 3.46
N LEU A 324 -9.60 15.13 2.28
CA LEU A 324 -8.16 15.03 2.10
C LEU A 324 -7.41 15.99 3.01
N LEU A 325 -8.02 17.14 3.30
CA LEU A 325 -7.37 18.14 4.12
C LEU A 325 -7.71 17.99 5.59
N ARG A 326 -8.60 17.07 5.90
CA ARG A 326 -8.89 16.73 7.30
C ARG A 326 -7.58 16.36 8.00
N THR A 327 -7.67 16.08 9.28
CA THR A 327 -6.51 15.67 10.07
C THR A 327 -7.04 14.99 11.31
N ASP A 328 -7.27 13.68 11.22
CA ASP A 328 -7.73 12.92 12.38
C ASP A 328 -6.53 12.55 13.23
N SER A 329 -6.42 13.17 14.41
CA SER A 329 -5.38 12.82 15.38
C SER A 329 -5.67 11.44 15.96
N PRO A 330 -4.63 10.75 16.45
CA PRO A 330 -4.73 9.35 16.86
C PRO A 330 -5.24 9.13 18.28
N LYS A 331 -6.09 8.11 18.45
CA LYS A 331 -6.56 7.68 19.76
C LYS A 331 -5.55 6.72 20.39
N ALA A 332 -4.50 7.25 20.98
CA ALA A 332 -3.50 6.42 21.67
C ALA A 332 -3.99 5.86 23.02
N HIS A 333 -3.38 4.76 23.44
CA HIS A 333 -3.59 4.20 24.78
C HIS A 333 -2.68 2.99 24.98
N VAL A 334 -2.35 2.68 26.23
CA VAL A 334 -1.40 1.61 26.51
C VAL A 334 -2.09 0.39 27.12
N THR A 335 -1.82 -0.78 26.55
CA THR A 335 -2.33 -2.02 27.13
C THR A 335 -1.17 -2.87 27.66
N TYR A 336 -1.52 -3.92 28.38
CA TYR A 336 -0.60 -4.61 29.28
C TYR A 336 -0.81 -6.12 29.16
N HIS A 337 0.27 -6.84 28.82
CA HIS A 337 0.17 -8.25 28.50
C HIS A 337 1.25 -9.07 29.20
N PRO A 338 0.90 -9.56 30.40
CA PRO A 338 1.84 -10.18 31.34
C PRO A 338 2.03 -11.67 31.13
N ARG A 339 3.14 -12.07 30.53
CA ARG A 339 3.42 -13.48 30.35
C ARG A 339 4.12 -14.12 31.57
N SER A 340 5.43 -13.89 31.68
CA SER A 340 6.28 -14.54 32.68
C SER A 340 6.22 -13.85 34.04
N GLN A 341 6.92 -14.42 35.02
CA GLN A 341 6.98 -13.87 36.38
C GLN A 341 8.04 -12.78 36.52
N VAL A 342 8.66 -12.41 35.41
CA VAL A 342 9.72 -11.42 35.42
C VAL A 342 9.35 -10.27 34.51
N ASP A 343 8.78 -10.57 33.34
CA ASP A 343 8.57 -9.53 32.33
C ASP A 343 7.26 -9.62 31.53
N VAL A 344 6.83 -8.47 31.06
CA VAL A 344 5.52 -8.28 30.46
C VAL A 344 5.67 -7.45 29.18
N THR A 345 4.66 -7.49 28.32
CA THR A 345 4.65 -6.67 27.12
C THR A 345 3.76 -5.45 27.32
N LEU A 346 4.32 -4.28 27.08
CA LEU A 346 3.56 -3.06 27.05
C LEU A 346 3.37 -2.64 25.61
N ARG A 347 2.15 -2.31 25.23
CA ARG A 347 1.91 -1.97 23.84
C ARG A 347 1.28 -0.59 23.71
N CYS A 348 1.95 0.29 23.00
CA CYS A 348 1.39 1.59 22.70
C CYS A 348 0.57 1.49 21.43
N TRP A 349 -0.72 1.78 21.54
CA TRP A 349 -1.59 1.81 20.38
C TRP A 349 -1.75 3.23 19.83
N ALA A 350 -2.21 3.32 18.58
CA ALA A 350 -2.62 4.58 17.97
C ALA A 350 -3.71 4.24 16.97
N LEU A 351 -4.94 4.70 17.24
CA LEU A 351 -6.09 4.29 16.44
C LEU A 351 -6.83 5.44 15.74
N GLY A 352 -7.39 5.17 14.56
CA GLY A 352 -8.22 6.16 13.86
C GLY A 352 -7.57 7.43 13.35
N PHE A 353 -6.29 7.38 12.97
CA PHE A 353 -5.59 8.57 12.48
C PHE A 353 -5.50 8.77 10.95
N TYR A 354 -5.45 10.04 10.52
CA TYR A 354 -5.16 10.43 9.13
C TYR A 354 -4.49 11.79 9.13
N PRO A 355 -3.43 11.98 8.30
CA PRO A 355 -2.80 11.07 7.35
C PRO A 355 -2.02 9.95 8.02
N ALA A 356 -1.47 9.04 7.20
CA ALA A 356 -0.90 7.79 7.71
C ALA A 356 0.43 7.96 8.42
N ASP A 357 1.21 8.95 8.01
CA ASP A 357 2.51 9.19 8.63
C ASP A 357 2.42 9.32 10.15
N ILE A 358 3.34 8.69 10.87
CA ILE A 358 3.29 8.73 12.34
C ILE A 358 4.60 8.21 12.97
N THR A 359 4.81 8.56 14.23
CA THR A 359 5.94 8.07 15.02
C THR A 359 5.44 7.65 16.38
N LEU A 360 5.54 6.37 16.70
CA LEU A 360 5.36 5.92 18.07
C LEU A 360 6.72 5.63 18.69
N THR A 361 6.89 5.95 19.98
CA THR A 361 8.17 5.73 20.64
C THR A 361 8.00 5.34 22.08
N TRP A 362 8.79 4.35 22.49
CA TRP A 362 8.82 3.93 23.88
C TRP A 362 10.04 4.52 24.54
N GLN A 363 9.89 4.91 25.80
CA GLN A 363 10.95 5.59 26.55
C GLN A 363 11.08 5.12 27.99
N LEU A 364 12.32 4.98 28.44
CA LEU A 364 12.64 4.81 29.85
C LEU A 364 13.58 5.90 30.30
N ASN A 365 13.06 6.85 31.07
CA ASN A 365 13.83 7.99 31.59
C ASN A 365 14.46 8.91 30.54
N GLY A 366 13.64 9.39 29.60
CA GLY A 366 14.11 10.29 28.55
C GLY A 366 14.94 9.57 27.52
N GLU A 367 15.54 8.46 27.94
CA GLU A 367 16.28 7.58 27.05
C GLU A 367 15.37 6.94 26.00
N ASP A 368 15.93 6.64 24.84
CA ASP A 368 15.13 6.06 23.77
C ASP A 368 15.23 4.54 23.75
N LEU A 369 14.18 3.88 23.26
CA LEU A 369 14.14 2.42 23.25
C LEU A 369 13.77 1.82 21.90
N THR A 370 13.83 2.63 20.84
CA THR A 370 13.47 2.16 19.49
C THR A 370 14.31 0.97 19.05
N GLN A 371 15.28 0.58 19.88
CA GLN A 371 16.14 -0.56 19.59
C GLN A 371 15.44 -1.90 19.84
N ASP A 372 15.03 -2.14 21.07
CA ASP A 372 14.25 -3.34 21.42
C ASP A 372 12.76 -3.04 21.34
N MET A 373 12.34 -2.41 20.25
CA MET A 373 10.93 -2.19 19.98
C MET A 373 10.40 -3.13 18.90
N GLU A 374 9.30 -3.80 19.19
CA GLU A 374 8.51 -4.42 18.15
C GLU A 374 7.44 -3.42 17.76
N LEU A 375 7.25 -3.27 16.45
CA LEU A 375 6.49 -2.16 15.90
C LEU A 375 5.88 -2.61 14.55
N VAL A 376 4.60 -2.96 14.54
CA VAL A 376 3.96 -3.41 13.30
C VAL A 376 3.94 -2.31 12.26
N GLU A 377 3.86 -2.68 10.99
CA GLU A 377 3.69 -1.65 9.97
C GLU A 377 2.28 -1.10 10.04
N THR A 378 2.16 0.17 9.67
CA THR A 378 0.92 0.91 9.76
C THR A 378 -0.15 0.27 8.90
N ARG A 379 -1.38 0.19 9.38
CA ARG A 379 -2.42 -0.57 8.65
C ARG A 379 -3.72 0.21 8.53
N PRO A 380 -4.46 -0.01 7.42
CA PRO A 380 -5.73 0.70 7.22
C PRO A 380 -6.82 0.08 8.09
N ALA A 381 -7.70 0.92 8.64
CA ALA A 381 -8.83 0.44 9.40
C ALA A 381 -9.92 0.08 8.42
N GLY A 382 -9.83 0.67 7.23
CA GLY A 382 -10.82 0.45 6.20
C GLY A 382 -11.76 1.62 6.07
N ASP A 383 -11.88 2.46 7.08
CA ASP A 383 -12.82 3.56 6.99
C ASP A 383 -12.18 4.83 6.44
N GLY A 384 -10.90 4.75 6.11
CA GLY A 384 -10.17 5.92 5.67
C GLY A 384 -9.15 6.37 6.70
N THR A 385 -9.23 5.81 7.90
CA THR A 385 -8.24 6.06 8.95
C THR A 385 -7.28 4.88 9.12
N PHE A 386 -6.24 5.09 9.94
CA PHE A 386 -5.14 4.12 10.09
C PHE A 386 -4.87 3.67 11.54
N GLN A 387 -4.08 2.60 11.66
CA GLN A 387 -3.77 1.98 12.95
C GLN A 387 -2.31 1.56 12.99
N LYS A 388 -1.75 1.52 14.18
CA LYS A 388 -0.38 1.14 14.40
C LYS A 388 -0.17 0.86 15.88
N TRP A 389 0.80 0.04 16.21
CA TRP A 389 1.18 -0.10 17.61
C TRP A 389 2.68 -0.40 17.78
N ALA A 390 3.19 -0.15 18.97
CA ALA A 390 4.58 -0.40 19.30
C ALA A 390 4.62 -1.16 20.60
N ALA A 391 5.56 -2.08 20.72
CA ALA A 391 5.62 -2.87 21.94
C ALA A 391 7.03 -3.01 22.47
N VAL A 392 7.13 -3.16 23.78
CA VAL A 392 8.39 -3.48 24.46
C VAL A 392 8.15 -4.47 25.60
N VAL A 393 9.15 -5.32 25.85
CA VAL A 393 9.12 -6.27 26.96
C VAL A 393 9.83 -5.72 28.19
N VAL A 394 9.13 -5.60 29.31
CA VAL A 394 9.69 -4.94 30.49
C VAL A 394 9.53 -5.75 31.79
N PRO A 395 10.41 -5.49 32.78
CA PRO A 395 10.44 -6.21 34.06
C PRO A 395 9.19 -6.01 34.89
N LEU A 396 8.47 -7.10 35.17
CA LEU A 396 7.22 -7.06 35.93
C LEU A 396 7.36 -6.25 37.21
N GLY A 397 6.40 -5.35 37.44
CA GLY A 397 6.44 -4.44 38.58
C GLY A 397 7.07 -3.09 38.25
N LYS A 398 7.61 -2.96 37.03
CA LYS A 398 8.26 -1.72 36.57
C LYS A 398 7.60 -1.09 35.33
N GLU A 399 6.35 -1.45 35.06
CA GLU A 399 5.62 -0.95 33.89
C GLU A 399 5.30 0.55 33.96
N GLN A 400 5.62 1.16 35.10
CA GLN A 400 5.23 2.53 35.37
C GLN A 400 6.31 3.51 34.96
N ASN A 401 7.53 3.02 34.75
CA ASN A 401 8.68 3.87 34.41
C ASN A 401 8.76 4.15 32.91
N TYR A 402 8.08 3.32 32.13
CA TYR A 402 8.17 3.40 30.69
C TYR A 402 7.13 4.34 30.15
N THR A 403 7.50 5.09 29.13
CA THR A 403 6.62 6.12 28.59
C THR A 403 6.54 6.10 27.07
N CYS A 404 5.31 6.11 26.57
CA CYS A 404 5.09 6.16 25.14
C CYS A 404 4.80 7.57 24.66
N HIS A 405 5.39 7.90 23.51
CA HIS A 405 5.16 9.19 22.85
C HIS A 405 4.65 9.02 21.41
N VAL A 406 3.51 9.65 21.13
CA VAL A 406 2.89 9.59 19.82
C VAL A 406 3.02 10.93 19.08
N HIS A 407 3.84 10.95 18.02
CA HIS A 407 4.05 12.15 17.21
C HIS A 407 3.32 12.06 15.87
N HIS A 408 2.17 12.71 15.79
CA HIS A 408 1.37 12.74 14.57
C HIS A 408 1.09 14.18 14.15
N LYS A 409 1.01 14.41 12.84
CA LYS A 409 0.69 15.72 12.30
C LYS A 409 -0.54 16.35 12.97
N GLY A 410 -1.60 15.56 13.17
CA GLY A 410 -2.82 16.05 13.83
C GLY A 410 -2.70 16.25 15.33
N LEU A 411 -1.46 16.32 15.81
CA LEU A 411 -1.22 16.56 17.23
C LEU A 411 -0.58 17.92 17.50
N PRO A 412 -1.29 18.75 18.28
CA PRO A 412 -0.73 19.98 18.83
C PRO A 412 0.77 19.76 19.08
N GLU A 413 1.09 18.92 20.06
CA GLU A 413 2.46 18.49 20.30
C GLU A 413 2.45 17.00 20.66
N PRO A 414 3.63 16.36 20.65
CA PRO A 414 3.72 14.92 20.94
C PRO A 414 2.81 14.51 22.09
N LEU A 415 2.24 13.31 22.01
CA LEU A 415 1.35 12.82 23.04
C LEU A 415 2.12 11.98 24.07
N THR A 416 1.70 12.07 25.33
CA THR A 416 2.37 11.33 26.40
C THR A 416 1.42 10.39 27.12
N LEU A 417 1.80 9.13 27.20
CA LEU A 417 0.98 8.17 27.92
C LEU A 417 1.79 6.98 28.45
N ARG A 418 1.20 6.29 29.43
CA ARG A 418 1.79 5.11 30.04
C ARG A 418 0.71 4.27 30.74
N TRP A 419 1.14 3.42 31.68
CA TRP A 419 0.25 2.46 32.33
C TRP A 419 0.15 2.73 33.83
N ALA A 420 -1.02 2.49 34.41
CA ALA A 420 -1.23 2.71 35.85
C ALA A 420 -1.85 1.51 36.58
#